data_5LW2
#
_entry.id   5LW2
#
_cell.length_a   96.130
_cell.length_b   28.000
_cell.length_c   52.730
_cell.angle_alpha   90.00
_cell.angle_beta   104.53
_cell.angle_gamma   90.00
#
_symmetry.space_group_name_H-M   'C 1 2 1'
#
loop_
_entity.id
_entity.type
_entity.pdbx_description
1 polymer DARPin_5m3_D12
2 non-polymer 'ACETATE ION'
3 water water
#
_entity_poly.entity_id   1
_entity_poly.type   'polypeptide(L)'
_entity_poly.pdbx_seq_one_letter_code
;MRGSHHHHHHGSDLGKKLLEAARAGQDDEVRILLANGADVNTADETGFTPLHLAAWEGHLGIVEVLLKNGADVNANDERG
HTPLHLAAYTGHLEIVEVLLKNGAGVNATDVIGTAPLHLAAMWGHLEIVEVLLKNGADVNIQDKFGKTAFDISIDNGNED
LAEILQKLN
;
_entity_poly.pdbx_strand_id   A
#
# COMPACT_ATOMS: atom_id res chain seq x y z
N ASP A 13 18.77 15.63 -2.64
CA ASP A 13 19.19 16.04 -3.98
C ASP A 13 18.22 15.45 -5.02
N LEU A 14 18.71 14.61 -5.93
CA LEU A 14 17.82 13.99 -6.92
C LEU A 14 16.78 13.12 -6.24
N GLY A 15 17.15 12.43 -5.16
CA GLY A 15 16.19 11.62 -4.43
C GLY A 15 15.04 12.45 -3.88
N LYS A 16 15.35 13.64 -3.37
CA LYS A 16 14.30 14.51 -2.87
C LYS A 16 13.36 14.94 -3.99
N LYS A 17 13.92 15.29 -5.16
CA LYS A 17 13.09 15.67 -6.29
C LYS A 17 12.24 14.49 -6.76
N LEU A 18 12.77 13.27 -6.70
CA LEU A 18 12.01 12.10 -7.13
C LEU A 18 10.80 11.87 -6.24
N LEU A 19 10.97 12.01 -4.92
CA LEU A 19 9.84 11.83 -4.00
C LEU A 19 8.71 12.80 -4.32
N GLU A 20 9.04 14.08 -4.49
CA GLU A 20 8.01 15.09 -4.74
C GLU A 20 7.37 14.89 -6.11
N ALA A 21 8.18 14.56 -7.12
CA ALA A 21 7.62 14.31 -8.45
C ALA A 21 6.62 13.16 -8.40
N ALA A 22 6.92 12.12 -7.62
CA ALA A 22 6.00 11.00 -7.49
C ALA A 22 4.75 11.42 -6.74
N ARG A 23 4.91 12.22 -5.68
CA ARG A 23 3.76 12.70 -4.92
C ARG A 23 2.86 13.59 -5.78
N ALA A 24 3.46 14.49 -6.56
CA ALA A 24 2.70 15.44 -7.35
C ALA A 24 2.16 14.87 -8.65
N GLY A 25 2.55 13.65 -9.03
CA GLY A 25 2.03 13.04 -10.24
C GLY A 25 2.75 13.43 -11.51
N GLN A 26 3.97 13.96 -11.42
CA GLN A 26 4.73 14.37 -12.59
C GLN A 26 5.49 13.16 -13.12
N ASP A 27 4.83 12.38 -13.97
CA ASP A 27 5.41 11.12 -14.42
C ASP A 27 6.56 11.36 -15.40
N ASP A 28 6.54 12.48 -16.12
CA ASP A 28 7.69 12.79 -16.97
C ASP A 28 8.91 13.12 -16.13
N GLU A 29 8.72 13.86 -15.03
CA GLU A 29 9.84 14.20 -14.16
C GLU A 29 10.37 12.99 -13.41
N VAL A 30 9.48 12.05 -13.06
CA VAL A 30 9.91 10.80 -12.44
C VAL A 30 10.86 10.05 -13.37
N ARG A 31 10.49 9.92 -14.64
CA ARG A 31 11.33 9.24 -15.61
C ARG A 31 12.66 9.97 -15.79
N ILE A 32 12.59 11.29 -15.96
CA ILE A 32 13.79 12.11 -16.12
C ILE A 32 14.74 11.89 -14.95
N LEU A 33 14.22 11.99 -13.73
CA LEU A 33 15.07 11.88 -12.56
C LEU A 33 15.70 10.50 -12.47
N LEU A 34 14.93 9.45 -12.80
CA LEU A 34 15.49 8.10 -12.80
C LEU A 34 16.55 7.95 -13.88
N ALA A 35 16.31 8.50 -15.07
CA ALA A 35 17.29 8.44 -16.15
C ALA A 35 18.59 9.13 -15.77
N ASN A 36 18.56 10.04 -14.80
CA ASN A 36 19.74 10.79 -14.38
C ASN A 36 20.30 10.30 -13.05
N GLY A 37 19.94 9.08 -12.63
CA GLY A 37 20.61 8.42 -11.52
C GLY A 37 19.86 8.44 -10.20
N ALA A 38 18.65 8.99 -10.16
CA ALA A 38 17.90 9.06 -8.91
C ALA A 38 17.63 7.66 -8.36
N ASP A 39 17.87 7.49 -7.06
CA ASP A 39 17.63 6.21 -6.41
C ASP A 39 16.13 5.95 -6.32
N VAL A 40 15.67 4.90 -7.01
CA VAL A 40 14.25 4.59 -7.09
C VAL A 40 13.66 4.30 -5.72
N ASN A 41 14.50 3.92 -4.74
CA ASN A 41 14.04 3.58 -3.40
C ASN A 41 14.44 4.61 -2.36
N THR A 42 14.73 5.84 -2.79
CA THR A 42 14.98 6.92 -1.85
C THR A 42 13.86 7.00 -0.82
N ALA A 43 14.23 7.14 0.44
CA ALA A 43 13.28 7.21 1.54
C ALA A 43 13.40 8.56 2.22
N ASP A 44 12.26 9.19 2.50
CA ASP A 44 12.26 10.48 3.19
C ASP A 44 12.46 10.25 4.69
N GLU A 45 12.33 11.32 5.48
CA GLU A 45 12.59 11.23 6.91
C GLU A 45 11.78 10.11 7.56
N THR A 46 10.52 9.98 7.17
CA THR A 46 9.62 9.00 7.78
C THR A 46 9.60 7.66 7.06
N GLY A 47 10.52 7.44 6.12
CA GLY A 47 10.66 6.15 5.48
C GLY A 47 9.87 5.95 4.21
N PHE A 48 9.11 6.95 3.77
CA PHE A 48 8.33 6.81 2.54
C PHE A 48 9.24 6.84 1.33
N THR A 49 9.03 5.91 0.41
CA THR A 49 9.69 5.89 -0.88
C THR A 49 8.78 6.46 -1.95
N PRO A 50 9.31 6.76 -3.13
CA PRO A 50 8.42 7.24 -4.20
C PRO A 50 7.24 6.31 -4.44
N LEU A 51 7.43 5.00 -4.31
CA LEU A 51 6.32 4.08 -4.53
C LEU A 51 5.25 4.24 -3.46
N HIS A 52 5.66 4.45 -2.20
CA HIS A 52 4.71 4.77 -1.14
C HIS A 52 3.84 5.96 -1.51
N LEU A 53 4.48 7.05 -1.94
CA LEU A 53 3.75 8.29 -2.15
C LEU A 53 2.83 8.20 -3.36
N ALA A 54 3.30 7.57 -4.44
CA ALA A 54 2.45 7.40 -5.62
C ALA A 54 1.26 6.52 -5.30
N ALA A 55 1.45 5.47 -4.50
CA ALA A 55 0.34 4.63 -4.09
C ALA A 55 -0.65 5.42 -3.24
N TRP A 56 -0.13 6.24 -2.31
CA TRP A 56 -1.00 7.02 -1.43
C TRP A 56 -1.77 8.07 -2.22
N GLU A 57 -1.13 8.69 -3.21
CA GLU A 57 -1.78 9.76 -3.97
C GLU A 57 -2.62 9.24 -5.12
N GLY A 58 -2.46 7.97 -5.50
CA GLY A 58 -3.28 7.39 -6.53
C GLY A 58 -2.75 7.56 -7.93
N HIS A 59 -1.44 7.62 -8.11
CA HIS A 59 -0.82 7.84 -9.42
C HIS A 59 -0.42 6.48 -9.99
N LEU A 60 -1.37 5.84 -10.67
CA LEU A 60 -1.16 4.48 -11.16
C LEU A 60 0.02 4.41 -12.11
N GLY A 61 0.09 5.32 -13.08
CA GLY A 61 1.16 5.28 -14.06
C GLY A 61 2.54 5.36 -13.42
N ILE A 62 2.67 6.19 -12.38
CA ILE A 62 3.96 6.32 -11.69
C ILE A 62 4.27 5.04 -10.92
N VAL A 63 3.27 4.42 -10.31
CA VAL A 63 3.47 3.11 -9.68
C VAL A 63 4.07 2.14 -10.69
N GLU A 64 3.48 2.09 -11.89
CA GLU A 64 3.97 1.19 -12.93
C GLU A 64 5.39 1.56 -13.37
N VAL A 65 5.68 2.85 -13.48
CA VAL A 65 7.02 3.28 -13.90
C VAL A 65 8.05 2.91 -12.85
N LEU A 66 7.76 3.20 -11.59
CA LEU A 66 8.71 2.88 -10.52
C LEU A 66 8.99 1.38 -10.48
N LEU A 67 7.95 0.56 -10.62
CA LEU A 67 8.14 -0.89 -10.55
C LEU A 67 8.97 -1.39 -11.74
N LYS A 68 8.81 -0.77 -12.91
CA LYS A 68 9.62 -1.12 -14.05
C LYS A 68 11.07 -0.69 -13.88
N ASN A 69 11.35 0.19 -12.91
CA ASN A 69 12.70 0.69 -12.66
C ASN A 69 13.30 0.18 -11.35
N GLY A 70 12.85 -0.99 -10.89
CA GLY A 70 13.47 -1.66 -9.78
C GLY A 70 12.98 -1.27 -8.41
N ALA A 71 11.84 -0.58 -8.31
CA ALA A 71 11.32 -0.19 -7.01
C ALA A 71 11.05 -1.41 -6.14
N ASP A 72 11.26 -1.24 -4.84
CA ASP A 72 10.97 -2.29 -3.88
C ASP A 72 9.48 -2.26 -3.57
N VAL A 73 8.75 -3.29 -4.05
CA VAL A 73 7.31 -3.31 -3.87
C VAL A 73 6.92 -3.46 -2.41
N ASN A 74 7.82 -3.99 -1.57
CA ASN A 74 7.52 -4.24 -0.17
C ASN A 74 8.31 -3.33 0.77
N ALA A 75 8.72 -2.16 0.29
CA ALA A 75 9.46 -1.23 1.14
C ALA A 75 8.62 -0.83 2.34
N ASN A 76 9.26 -0.78 3.51
CA ASN A 76 8.61 -0.41 4.76
C ASN A 76 8.97 1.01 5.16
N ASP A 77 7.96 1.78 5.56
CA ASP A 77 8.21 3.06 6.18
C ASP A 77 8.55 2.85 7.65
N GLU A 78 8.73 3.96 8.38
CA GLU A 78 9.10 3.84 9.79
C GLU A 78 8.04 3.15 10.62
N ARG A 79 6.79 3.13 10.13
CA ARG A 79 5.69 2.49 10.84
C ARG A 79 5.39 1.09 10.31
N GLY A 80 6.21 0.58 9.39
CA GLY A 80 6.00 -0.75 8.85
C GLY A 80 4.99 -0.83 7.73
N HIS A 81 4.48 0.30 7.25
CA HIS A 81 3.52 0.29 6.16
C HIS A 81 4.25 0.02 4.85
N THR A 82 3.71 -0.89 4.04
CA THR A 82 4.16 -1.10 2.68
C THR A 82 3.27 -0.33 1.71
N PRO A 83 3.69 -0.19 0.46
CA PRO A 83 2.81 0.48 -0.51
C PRO A 83 1.43 -0.15 -0.59
N LEU A 84 1.33 -1.47 -0.41
CA LEU A 84 0.01 -2.10 -0.41
C LEU A 84 -0.84 -1.61 0.76
N HIS A 85 -0.21 -1.40 1.92
CA HIS A 85 -0.93 -0.81 3.05
C HIS A 85 -1.55 0.52 2.66
N LEU A 86 -0.78 1.39 2.01
CA LEU A 86 -1.26 2.73 1.72
C LEU A 86 -2.31 2.73 0.62
N ALA A 87 -2.17 1.85 -0.37
CA ALA A 87 -3.18 1.75 -1.42
C ALA A 87 -4.50 1.25 -0.86
N ALA A 88 -4.45 0.23 0.01
CA ALA A 88 -5.67 -0.29 0.61
C ALA A 88 -6.32 0.76 1.50
N TYR A 89 -5.51 1.53 2.23
CA TYR A 89 -6.03 2.57 3.11
C TYR A 89 -6.77 3.64 2.33
N THR A 90 -6.16 4.10 1.23
CA THR A 90 -6.73 5.18 0.43
C THR A 90 -7.77 4.69 -0.57
N GLY A 91 -7.97 3.39 -0.69
CA GLY A 91 -9.02 2.88 -1.55
C GLY A 91 -8.71 2.94 -3.04
N HIS A 92 -7.44 2.79 -3.41
CA HIS A 92 -7.02 2.82 -4.81
C HIS A 92 -6.98 1.39 -5.33
N LEU A 93 -8.09 0.95 -5.93
CA LEU A 93 -8.23 -0.44 -6.32
C LEU A 93 -7.23 -0.82 -7.40
N GLU A 94 -7.08 0.01 -8.43
CA GLU A 94 -6.17 -0.32 -9.52
C GLU A 94 -4.74 -0.48 -9.03
N ILE A 95 -4.32 0.36 -8.09
CA ILE A 95 -2.97 0.26 -7.55
C ILE A 95 -2.82 -0.98 -6.69
N VAL A 96 -3.85 -1.32 -5.91
CA VAL A 96 -3.84 -2.58 -5.17
C VAL A 96 -3.61 -3.75 -6.12
N GLU A 97 -4.35 -3.78 -7.23
CA GLU A 97 -4.23 -4.89 -8.17
C GLU A 97 -2.81 -4.96 -8.74
N VAL A 98 -2.26 -3.83 -9.16
CA VAL A 98 -0.93 -3.83 -9.77
C VAL A 98 0.11 -4.27 -8.75
N LEU A 99 0.05 -3.72 -7.53
CA LEU A 99 1.01 -4.13 -6.50
C LEU A 99 0.98 -5.63 -6.30
N LEU A 100 -0.21 -6.22 -6.19
CA LEU A 100 -0.31 -7.66 -6.02
C LEU A 100 0.24 -8.40 -7.24
N LYS A 101 -0.04 -7.89 -8.44
CA LYS A 101 0.53 -8.49 -9.64
C LYS A 101 2.05 -8.37 -9.66
N ASN A 102 2.61 -7.43 -8.90
CA ASN A 102 4.05 -7.27 -8.77
C ASN A 102 4.58 -7.81 -7.44
N GLY A 103 3.95 -8.87 -6.92
CA GLY A 103 4.51 -9.59 -5.79
C GLY A 103 4.42 -8.88 -4.46
N ALA A 104 3.45 -8.00 -4.28
CA ALA A 104 3.27 -7.36 -2.98
C ALA A 104 2.91 -8.41 -1.94
N GLY A 105 3.48 -8.27 -0.75
CA GLY A 105 3.13 -9.15 0.34
C GLY A 105 1.72 -8.89 0.85
N VAL A 106 0.78 -9.79 0.53
CA VAL A 106 -0.62 -9.54 0.85
C VAL A 106 -0.86 -9.52 2.36
N ASN A 107 -0.02 -10.24 3.13
CA ASN A 107 -0.20 -10.35 4.57
C ASN A 107 0.91 -9.65 5.35
N ALA A 108 1.50 -8.60 4.78
CA ALA A 108 2.50 -7.83 5.50
C ALA A 108 1.86 -7.14 6.70
N THR A 109 2.62 -7.09 7.80
CA THR A 109 2.13 -6.48 9.04
C THR A 109 3.00 -5.30 9.43
N ASP A 110 2.37 -4.21 9.84
CA ASP A 110 3.08 -3.04 10.31
C ASP A 110 3.48 -3.23 11.78
N VAL A 111 4.10 -2.20 12.37
CA VAL A 111 4.64 -2.33 13.72
C VAL A 111 3.55 -2.59 14.76
N ILE A 112 2.30 -2.25 14.45
CA ILE A 112 1.19 -2.54 15.36
C ILE A 112 0.55 -3.89 15.06
N GLY A 113 1.04 -4.60 14.04
CA GLY A 113 0.47 -5.87 13.65
C GLY A 113 -0.64 -5.78 12.61
N THR A 114 -0.83 -4.61 12.01
CA THR A 114 -1.92 -4.38 11.08
C THR A 114 -1.52 -4.83 9.68
N ALA A 115 -2.42 -5.55 9.02
CA ALA A 115 -2.24 -5.98 7.64
C ALA A 115 -3.11 -5.15 6.71
N PRO A 116 -2.86 -5.19 5.40
CA PRO A 116 -3.68 -4.39 4.48
C PRO A 116 -5.16 -4.68 4.60
N LEU A 117 -5.53 -5.93 4.85
CA LEU A 117 -6.94 -6.29 4.96
C LEU A 117 -7.62 -5.51 6.08
N HIS A 118 -6.89 -5.26 7.18
CA HIS A 118 -7.46 -4.45 8.26
C HIS A 118 -7.83 -3.06 7.77
N LEU A 119 -6.99 -2.47 6.93
CA LEU A 119 -7.19 -1.07 6.54
C LEU A 119 -8.33 -0.95 5.54
N ALA A 120 -8.38 -1.84 4.54
CA ALA A 120 -9.47 -1.81 3.58
C ALA A 120 -10.81 -1.97 4.30
N ALA A 121 -10.88 -2.88 5.27
CA ALA A 121 -12.14 -3.09 5.99
C ALA A 121 -12.46 -1.90 6.89
N MET A 122 -11.43 -1.18 7.35
CA MET A 122 -11.64 -0.03 8.22
C MET A 122 -12.52 1.00 7.54
N TRP A 123 -12.40 1.16 6.23
CA TRP A 123 -13.13 2.18 5.48
C TRP A 123 -14.20 1.59 4.59
N GLY A 124 -14.41 0.28 4.63
CA GLY A 124 -15.44 -0.34 3.82
C GLY A 124 -15.09 -0.41 2.35
N HIS A 125 -13.83 -0.67 2.02
CA HIS A 125 -13.40 -0.84 0.63
C HIS A 125 -13.65 -2.30 0.24
N LEU A 126 -14.86 -2.56 -0.25
CA LEU A 126 -15.30 -3.93 -0.43
C LEU A 126 -14.56 -4.61 -1.58
N GLU A 127 -14.45 -3.94 -2.72
CA GLU A 127 -13.73 -4.51 -3.85
C GLU A 127 -12.29 -4.84 -3.47
N ILE A 128 -11.64 -3.96 -2.71
CA ILE A 128 -10.27 -4.21 -2.29
C ILE A 128 -10.20 -5.39 -1.34
N VAL A 129 -11.19 -5.54 -0.46
CA VAL A 129 -11.22 -6.69 0.43
C VAL A 129 -11.27 -7.98 -0.38
N GLU A 130 -12.15 -8.04 -1.38
CA GLU A 130 -12.28 -9.25 -2.18
C GLU A 130 -10.97 -9.58 -2.89
N VAL A 131 -10.31 -8.57 -3.47
CA VAL A 131 -9.05 -8.80 -4.18
C VAL A 131 -7.99 -9.33 -3.22
N LEU A 132 -7.93 -8.79 -2.01
CA LEU A 132 -6.94 -9.24 -1.05
C LEU A 132 -7.19 -10.68 -0.65
N LEU A 133 -8.44 -11.03 -0.33
CA LEU A 133 -8.76 -12.41 -0.02
C LEU A 133 -8.50 -13.31 -1.21
N LYS A 134 -8.82 -12.84 -2.42
CA LYS A 134 -8.56 -13.63 -3.61
C LYS A 134 -7.08 -13.91 -3.78
N ASN A 135 -6.21 -13.02 -3.29
CA ASN A 135 -4.77 -13.17 -3.39
C ASN A 135 -4.14 -13.71 -2.10
N GLY A 136 -4.94 -14.28 -1.21
CA GLY A 136 -4.42 -15.01 -0.06
C GLY A 136 -4.42 -14.28 1.26
N ALA A 137 -5.18 -13.20 1.40
CA ALA A 137 -5.25 -12.50 2.69
C ALA A 137 -5.70 -13.47 3.77
N ASP A 138 -5.01 -13.45 4.90
CA ASP A 138 -5.30 -14.33 6.03
C ASP A 138 -6.19 -13.57 7.02
N VAL A 139 -7.41 -14.05 7.21
CA VAL A 139 -8.37 -13.36 8.05
C VAL A 139 -8.11 -13.58 9.54
N ASN A 140 -7.31 -14.58 9.91
CA ASN A 140 -7.03 -14.85 11.32
C ASN A 140 -6.02 -13.90 11.93
N ILE A 141 -5.36 -13.06 11.12
CA ILE A 141 -4.32 -12.19 11.63
C ILE A 141 -4.91 -11.20 12.62
N GLN A 142 -4.30 -11.12 13.80
CA GLN A 142 -4.68 -10.17 14.84
C GLN A 142 -3.61 -9.10 14.98
N ASP A 143 -4.03 -7.85 15.09
CA ASP A 143 -3.10 -6.77 15.41
C ASP A 143 -2.73 -6.89 16.89
N LYS A 144 -1.96 -5.92 17.40
CA LYS A 144 -1.47 -6.03 18.77
C LYS A 144 -2.60 -5.85 19.79
N PHE A 145 -3.73 -5.28 19.39
CA PHE A 145 -4.88 -5.16 20.27
C PHE A 145 -5.81 -6.37 20.18
N GLY A 146 -5.45 -7.38 19.40
CA GLY A 146 -6.27 -8.58 19.26
C GLY A 146 -7.35 -8.48 18.22
N LYS A 147 -7.33 -7.46 17.36
CA LYS A 147 -8.41 -7.20 16.42
C LYS A 147 -8.07 -7.81 15.06
N THR A 148 -8.89 -8.76 14.62
CA THR A 148 -8.82 -9.24 13.26
C THR A 148 -9.56 -8.28 12.35
N ALA A 149 -9.37 -8.45 11.03
CA ALA A 149 -10.16 -7.68 10.08
C ALA A 149 -11.65 -7.81 10.35
N PHE A 150 -12.08 -8.99 10.83
CA PHE A 150 -13.47 -9.16 11.24
C PHE A 150 -13.81 -8.23 12.40
N ASP A 151 -13.01 -8.27 13.46
CA ASP A 151 -13.27 -7.42 14.62
C ASP A 151 -13.20 -5.94 14.25
N ILE A 152 -12.17 -5.56 13.49
CA ILE A 152 -12.08 -4.17 13.02
C ILE A 152 -13.33 -3.78 12.27
N SER A 153 -13.87 -4.70 11.46
CA SER A 153 -15.11 -4.41 10.74
C SER A 153 -16.24 -4.11 11.70
N ILE A 154 -16.29 -4.82 12.83
CA ILE A 154 -17.35 -4.61 13.81
C ILE A 154 -17.13 -3.30 14.56
N ASP A 155 -15.90 -3.03 14.98
CA ASP A 155 -15.63 -1.80 15.74
C ASP A 155 -15.92 -0.57 14.90
N ASN A 156 -15.52 -0.57 13.63
CA ASN A 156 -15.74 0.57 12.75
C ASN A 156 -17.14 0.60 12.14
N GLY A 157 -18.05 -0.23 12.63
CA GLY A 157 -19.43 -0.21 12.14
C GLY A 157 -19.59 -0.72 10.73
N ASN A 158 -18.70 -1.61 10.29
CA ASN A 158 -18.80 -2.24 8.97
C ASN A 158 -19.25 -3.68 9.18
N GLU A 159 -20.57 -3.87 9.25
CA GLU A 159 -21.14 -5.17 9.60
C GLU A 159 -21.27 -6.08 8.40
N ASP A 160 -21.97 -5.63 7.35
CA ASP A 160 -22.15 -6.47 6.17
C ASP A 160 -20.82 -6.95 5.61
N LEU A 161 -19.75 -6.18 5.80
CA LEU A 161 -18.43 -6.58 5.33
C LEU A 161 -17.83 -7.66 6.21
N ALA A 162 -18.31 -7.84 7.43
CA ALA A 162 -17.74 -8.82 8.36
C ALA A 162 -18.19 -10.24 8.07
N GLU A 163 -19.18 -10.43 7.19
CA GLU A 163 -19.63 -11.78 6.85
C GLU A 163 -18.54 -12.55 6.11
N ILE A 164 -17.81 -11.86 5.23
CA ILE A 164 -16.76 -12.51 4.43
C ILE A 164 -15.46 -12.69 5.20
N LEU A 165 -15.30 -12.03 6.35
CA LEU A 165 -14.04 -12.03 7.08
C LEU A 165 -14.09 -12.85 8.37
N GLN A 166 -15.06 -13.76 8.49
CA GLN A 166 -15.26 -14.48 9.74
C GLN A 166 -13.96 -15.11 10.24
N LYS A 167 -13.87 -15.27 11.56
CA LYS A 167 -12.76 -15.97 12.19
C LYS A 167 -11.43 -15.21 12.03
#